data_1ZAB
#
_entry.id   1ZAB
#
_cell.length_a   82.237
_cell.length_b   92.361
_cell.length_c   180.531
_cell.angle_alpha   90.00
_cell.angle_beta   90.00
_cell.angle_gamma   90.00
#
_symmetry.space_group_name_H-M   'I 2 2 2'
#
loop_
_entity.id
_entity.type
_entity.pdbx_description
1 polymer 'Cytidine deaminase'
2 non-polymer 'ZINC ION'
3 non-polymer 'SULFATE ION'
4 non-polymer 1-((2R,3R,4S,5R)-TETRAHYDRO-3,4-DIHYDROXY-5-(HYDROXYMETHYL)FURAN-2-YL)PYRIDINE-2,4(1H,3H)-DIONE
5 water water
#
_entity_poly.entity_id   1
_entity_poly.type   'polypeptide(L)'
_entity_poly.pdbx_seq_one_letter_code
;MAQERPSCAVEPEHVQRLLLSSREAKKSAYCPYSRFPVGAALLTGDGRIFSGCNIENACYPLGVCAERTAIQKAISEGYK
DFRAIAISSDLQEEFISPCGACRQVMREFGTDWAVYMTKPDGTFVVRTVQELLPASFGPEDLQKIQ
;
_entity_poly.pdbx_strand_id   A,B,C,D
#
loop_
_chem_comp.id
_chem_comp.type
_chem_comp.name
_chem_comp.formula
SO4 non-polymer 'SULFATE ION' 'O4 S -2'
URD RNA linking 1-((2R,3R,4S,5R)-TETRAHYDRO-3,4-DIHYDROXY-5-(HYDROXYMETHYL)FURAN-2-YL)PYRIDINE-2,4(1H,3H)-DIONE 'C10 H13 N O6'
ZN non-polymer 'ZINC ION' 'Zn 2'
#
# COMPACT_ATOMS: atom_id res chain seq x y z
N VAL A 10 -2.49 34.72 18.86
CA VAL A 10 -3.05 35.20 17.57
C VAL A 10 -4.01 34.18 16.95
N GLU A 11 -3.62 32.92 16.96
CA GLU A 11 -4.44 31.85 16.40
C GLU A 11 -5.27 31.22 17.51
N PRO A 12 -6.41 30.59 17.17
CA PRO A 12 -7.22 29.98 18.21
C PRO A 12 -6.36 28.97 18.97
N GLU A 13 -6.71 28.68 20.22
CA GLU A 13 -5.95 27.73 21.02
C GLU A 13 -5.81 26.34 20.38
N HIS A 14 -6.87 25.82 19.75
CA HIS A 14 -6.76 24.50 19.15
C HIS A 14 -5.84 24.47 17.94
N VAL A 15 -5.71 25.61 17.26
CA VAL A 15 -4.81 25.65 16.10
C VAL A 15 -3.38 25.66 16.62
N GLN A 16 -3.15 26.40 17.70
CA GLN A 16 -1.83 26.45 18.30
C GLN A 16 -1.42 25.02 18.70
N ARG A 17 -2.32 24.31 19.36
CA ARG A 17 -2.05 22.93 19.76
C ARG A 17 -1.70 22.08 18.54
N LEU A 18 -2.51 22.19 17.49
CA LEU A 18 -2.30 21.42 16.27
C LEU A 18 -0.91 21.62 15.66
N LEU A 19 -0.53 22.88 15.46
CA LEU A 19 0.76 23.21 14.87
C LEU A 19 1.93 22.72 15.72
N LEU A 20 1.84 22.93 17.03
CA LEU A 20 2.90 22.52 17.93
C LEU A 20 3.06 21.00 17.99
N SER A 21 1.93 20.29 18.07
CA SER A 21 2.00 18.83 18.13
C SER A 21 2.54 18.20 16.85
N SER A 22 2.15 18.74 15.70
CA SER A 22 2.64 18.18 14.44
C SER A 22 4.14 18.41 14.30
N ARG A 23 4.61 19.58 14.73
CA ARG A 23 6.03 19.92 14.68
C ARG A 23 6.83 19.02 15.61
N GLU A 24 6.24 18.71 16.76
CA GLU A 24 6.89 17.85 17.74
C GLU A 24 6.89 16.40 17.23
N ALA A 25 5.75 15.98 16.70
CA ALA A 25 5.59 14.62 16.18
C ALA A 25 6.62 14.29 15.10
N LYS A 26 7.01 15.30 14.32
CA LYS A 26 7.98 15.12 13.25
C LYS A 26 9.33 14.58 13.74
N LYS A 27 9.65 14.84 15.01
CA LYS A 27 10.91 14.39 15.57
C LYS A 27 11.03 12.86 15.64
N SER A 28 9.90 12.17 15.68
CA SER A 28 9.94 10.71 15.76
C SER A 28 10.00 10.04 14.39
N ALA A 29 9.92 10.84 13.34
CA ALA A 29 9.93 10.31 11.98
C ALA A 29 11.04 9.28 11.74
N TYR A 30 10.69 8.22 11.04
CA TYR A 30 11.64 7.18 10.67
C TYR A 30 11.72 7.27 9.15
N CYS A 31 12.66 8.06 8.66
CA CYS A 31 12.81 8.26 7.23
C CYS A 31 14.27 8.29 6.77
N PRO A 32 15.01 7.19 7.01
CA PRO A 32 16.42 7.15 6.61
C PRO A 32 16.62 7.11 5.10
N TYR A 33 15.57 6.80 4.35
CA TYR A 33 15.69 6.73 2.89
C TYR A 33 15.43 8.06 2.20
N SER A 34 14.37 8.75 2.57
CA SER A 34 14.05 10.03 1.94
C SER A 34 14.65 11.21 2.69
N ARG A 35 14.95 10.99 3.97
CA ARG A 35 15.47 12.05 4.83
C ARG A 35 14.47 13.22 4.75
N PHE A 36 13.19 12.88 4.62
CA PHE A 36 12.12 13.86 4.53
C PHE A 36 11.16 13.61 5.71
N PRO A 37 11.50 14.15 6.90
CA PRO A 37 10.65 13.95 8.08
C PRO A 37 9.33 14.69 8.01
N VAL A 38 8.26 14.00 8.40
CA VAL A 38 6.94 14.60 8.40
C VAL A 38 6.22 14.23 9.70
N GLY A 39 5.52 15.19 10.28
CA GLY A 39 4.79 14.93 11.50
C GLY A 39 3.34 15.36 11.30
N ALA A 40 2.45 14.82 12.11
CA ALA A 40 1.04 15.16 12.01
C ALA A 40 0.38 15.12 13.38
N ALA A 41 -0.65 15.94 13.56
CA ALA A 41 -1.38 15.97 14.83
C ALA A 41 -2.86 15.97 14.45
N LEU A 42 -3.59 14.99 14.97
CA LEU A 42 -5.00 14.81 14.69
C LEU A 42 -5.82 15.23 15.92
N LEU A 43 -6.77 16.11 15.70
CA LEU A 43 -7.61 16.61 16.78
C LEU A 43 -9.00 15.96 16.72
N THR A 44 -9.38 15.27 17.78
CA THR A 44 -10.68 14.60 17.82
C THR A 44 -11.77 15.58 18.28
N GLY A 45 -13.02 15.16 18.17
CA GLY A 45 -14.12 16.01 18.57
C GLY A 45 -14.11 16.38 20.05
N ASP A 46 -13.68 15.46 20.90
CA ASP A 46 -13.65 15.73 22.33
C ASP A 46 -12.40 16.48 22.80
N GLY A 47 -11.55 16.88 21.87
CA GLY A 47 -10.37 17.62 22.24
C GLY A 47 -9.05 16.87 22.38
N ARG A 48 -9.07 15.54 22.24
CA ARG A 48 -7.84 14.78 22.36
C ARG A 48 -7.04 14.84 21.05
N ILE A 49 -5.71 14.81 21.17
CA ILE A 49 -4.82 14.86 20.01
C ILE A 49 -3.95 13.62 19.86
N PHE A 50 -3.96 13.04 18.66
CA PHE A 50 -3.14 11.88 18.36
C PHE A 50 -2.12 12.36 17.35
N SER A 51 -0.86 12.05 17.61
CA SER A 51 0.21 12.48 16.73
C SER A 51 0.69 11.33 15.85
N GLY A 52 1.42 11.67 14.80
CA GLY A 52 1.94 10.66 13.89
C GLY A 52 3.12 11.18 13.10
N CYS A 53 3.84 10.25 12.46
CA CYS A 53 5.00 10.59 11.65
C CYS A 53 5.14 9.52 10.57
N ASN A 54 5.90 9.83 9.53
CA ASN A 54 6.11 8.84 8.47
C ASN A 54 7.09 7.79 8.99
N ILE A 55 6.90 6.55 8.54
CA ILE A 55 7.73 5.43 8.94
C ILE A 55 8.00 4.65 7.65
N GLU A 56 9.16 4.88 7.07
CA GLU A 56 9.52 4.23 5.81
C GLU A 56 9.99 2.80 5.97
N ASN A 57 10.23 2.15 4.83
CA ASN A 57 10.67 0.76 4.80
C ASN A 57 11.71 0.59 3.70
N ALA A 58 12.61 -0.37 3.88
CA ALA A 58 13.65 -0.64 2.89
C ALA A 58 12.96 -0.75 1.53
N CYS A 59 11.82 -1.43 1.49
CA CYS A 59 11.06 -1.55 0.25
C CYS A 59 10.07 -0.40 0.31
N TYR A 60 10.41 0.71 -0.34
CA TYR A 60 9.61 1.93 -0.35
C TYR A 60 8.09 1.82 -0.24
N PRO A 61 7.45 0.98 -1.06
CA PRO A 61 5.97 0.85 -0.99
C PRO A 61 5.38 0.48 0.37
N LEU A 62 6.20 -0.05 1.27
CA LEU A 62 5.71 -0.44 2.59
C LEU A 62 5.80 0.62 3.67
N GLY A 63 6.20 1.83 3.31
CA GLY A 63 6.26 2.89 4.32
C GLY A 63 4.86 3.40 4.60
N VAL A 64 4.74 4.30 5.57
CA VAL A 64 3.44 4.91 5.89
C VAL A 64 3.64 6.39 6.15
N CYS A 65 2.61 7.19 5.87
CA CYS A 65 2.70 8.64 6.05
C CYS A 65 2.28 9.08 7.45
N ALA A 66 2.70 10.29 7.83
CA ALA A 66 2.37 10.83 9.14
C ALA A 66 0.88 10.83 9.43
N GLU A 67 0.08 11.26 8.46
CA GLU A 67 -1.38 11.34 8.65
C GLU A 67 -2.02 10.01 9.00
N ARG A 68 -1.70 8.99 8.22
CA ARG A 68 -2.28 7.68 8.47
C ARG A 68 -1.79 7.08 9.78
N THR A 69 -0.55 7.37 10.16
CA THR A 69 -0.04 6.85 11.42
C THR A 69 -0.91 7.43 12.53
N ALA A 70 -1.22 8.73 12.42
CA ALA A 70 -2.04 9.43 13.40
C ALA A 70 -3.49 8.95 13.40
N ILE A 71 -4.08 8.82 12.22
CA ILE A 71 -5.45 8.36 12.10
C ILE A 71 -5.60 6.91 12.58
N GLN A 72 -4.64 6.06 12.24
CA GLN A 72 -4.67 4.64 12.64
C GLN A 72 -4.58 4.51 14.17
N LYS A 73 -3.76 5.35 14.79
CA LYS A 73 -3.61 5.33 16.24
C LYS A 73 -4.96 5.69 16.87
N ALA A 74 -5.55 6.80 16.44
CA ALA A 74 -6.83 7.24 16.97
C ALA A 74 -7.91 6.16 16.92
N ILE A 75 -8.14 5.59 15.74
CA ILE A 75 -9.15 4.56 15.54
C ILE A 75 -8.90 3.32 16.39
N SER A 76 -7.64 2.91 16.51
CA SER A 76 -7.33 1.74 17.31
C SER A 76 -7.66 2.02 18.78
N GLU A 77 -7.73 3.31 19.12
CA GLU A 77 -8.04 3.73 20.48
C GLU A 77 -9.53 4.02 20.65
N GLY A 78 -10.30 3.84 19.59
CA GLY A 78 -11.73 4.07 19.67
C GLY A 78 -12.27 5.42 19.21
N TYR A 79 -11.42 6.26 18.62
CA TYR A 79 -11.86 7.58 18.15
C TYR A 79 -12.04 7.63 16.64
N LYS A 80 -13.26 7.99 16.22
CA LYS A 80 -13.58 8.07 14.79
C LYS A 80 -14.10 9.44 14.39
N ASP A 81 -14.39 10.28 15.38
CA ASP A 81 -14.90 11.62 15.12
C ASP A 81 -13.73 12.60 15.15
N PHE A 82 -13.29 13.02 13.97
CA PHE A 82 -12.16 13.92 13.86
C PHE A 82 -12.54 15.34 13.47
N ARG A 83 -11.87 16.31 14.09
CA ARG A 83 -12.16 17.71 13.82
C ARG A 83 -11.15 18.30 12.85
N ALA A 84 -9.89 17.95 13.01
CA ALA A 84 -8.86 18.50 12.15
C ALA A 84 -7.54 17.76 12.31
N ILE A 85 -6.68 17.95 11.31
CA ILE A 85 -5.36 17.34 11.34
C ILE A 85 -4.38 18.34 10.72
N ALA A 86 -3.24 18.52 11.36
CA ALA A 86 -2.22 19.43 10.85
C ALA A 86 -1.01 18.58 10.45
N ILE A 87 -0.25 19.06 9.47
CA ILE A 87 0.92 18.35 8.97
C ILE A 87 2.13 19.29 8.97
N SER A 88 3.29 18.73 9.29
CA SER A 88 4.53 19.51 9.34
C SER A 88 5.69 18.80 8.65
N SER A 89 6.50 19.56 7.95
CA SER A 89 7.66 19.01 7.24
C SER A 89 8.79 20.01 7.38
N ASP A 90 9.92 19.72 6.74
CA ASP A 90 11.07 20.63 6.79
C ASP A 90 11.07 21.57 5.58
N LEU A 91 10.08 21.46 4.70
CA LEU A 91 10.00 22.35 3.55
C LEU A 91 9.62 23.73 4.04
N GLN A 92 10.58 24.64 4.05
CA GLN A 92 10.35 26.00 4.53
C GLN A 92 9.54 26.88 3.58
N GLU A 93 9.61 26.59 2.29
CA GLU A 93 8.93 27.40 1.28
C GLU A 93 7.69 26.79 0.62
N GLU A 94 7.17 25.70 1.18
CA GLU A 94 5.98 25.08 0.61
C GLU A 94 5.11 24.49 1.71
N PHE A 95 3.80 24.68 1.61
CA PHE A 95 2.90 24.12 2.60
C PHE A 95 2.89 22.62 2.35
N ILE A 96 3.17 21.84 3.39
CA ILE A 96 3.19 20.39 3.24
C ILE A 96 1.78 19.90 3.00
N SER A 97 1.59 19.22 1.87
CA SER A 97 0.29 18.71 1.46
C SER A 97 0.21 17.19 1.61
N PRO A 98 -0.97 16.67 1.98
CA PRO A 98 -1.15 15.23 2.14
C PRO A 98 -1.32 14.53 0.78
N CYS A 99 -0.79 13.30 0.69
CA CYS A 99 -0.90 12.54 -0.55
C CYS A 99 -2.33 12.04 -0.70
N GLY A 100 -2.67 11.60 -1.91
CA GLY A 100 -4.00 11.11 -2.18
C GLY A 100 -4.43 9.95 -1.30
N ALA A 101 -3.49 9.07 -0.98
CA ALA A 101 -3.79 7.91 -0.16
C ALA A 101 -4.30 8.32 1.22
N CYS A 102 -3.65 9.30 1.83
CA CYS A 102 -4.08 9.77 3.14
C CYS A 102 -5.42 10.46 3.04
N ARG A 103 -5.64 11.17 1.94
CA ARG A 103 -6.89 11.86 1.71
C ARG A 103 -8.02 10.84 1.70
N GLN A 104 -7.78 9.70 1.03
CA GLN A 104 -8.77 8.65 0.95
C GLN A 104 -9.08 8.07 2.34
N VAL A 105 -8.06 7.82 3.14
CA VAL A 105 -8.25 7.29 4.48
C VAL A 105 -8.98 8.34 5.32
N MET A 106 -8.62 9.61 5.16
CA MET A 106 -9.28 10.67 5.90
C MET A 106 -10.76 10.64 5.55
N ARG A 107 -11.04 10.53 4.25
CA ARG A 107 -12.40 10.53 3.74
C ARG A 107 -13.25 9.38 4.27
N GLU A 108 -12.62 8.27 4.61
CA GLU A 108 -13.35 7.11 5.13
C GLU A 108 -14.10 7.54 6.39
N PHE A 109 -13.55 8.51 7.11
CA PHE A 109 -14.18 8.95 8.34
C PHE A 109 -14.83 10.34 8.30
N GLY A 110 -15.20 10.78 7.10
CA GLY A 110 -15.84 12.08 6.98
C GLY A 110 -15.17 13.01 6.00
N THR A 111 -15.98 13.86 5.38
CA THR A 111 -15.50 14.83 4.40
C THR A 111 -15.49 16.22 5.04
N ASP A 112 -16.24 16.36 6.12
CA ASP A 112 -16.36 17.65 6.78
C ASP A 112 -15.45 18.00 7.94
N TRP A 113 -14.14 17.82 7.75
CA TRP A 113 -13.17 18.20 8.76
C TRP A 113 -11.98 18.87 8.09
N ALA A 114 -11.22 19.64 8.87
CA ALA A 114 -10.11 20.44 8.35
C ALA A 114 -8.70 19.87 8.35
N VAL A 115 -7.97 20.21 7.28
CA VAL A 115 -6.58 19.80 7.08
C VAL A 115 -5.70 21.06 7.04
N TYR A 116 -4.84 21.23 8.03
CA TYR A 116 -3.93 22.37 8.07
C TYR A 116 -2.61 22.00 7.41
N MET A 117 -2.34 22.60 6.26
CA MET A 117 -1.11 22.35 5.52
C MET A 117 -0.17 23.50 5.91
N THR A 118 0.87 23.17 6.68
CA THR A 118 1.77 24.19 7.21
C THR A 118 3.16 24.37 6.63
N LYS A 119 3.87 25.34 7.21
CA LYS A 119 5.25 25.66 6.87
C LYS A 119 5.95 25.81 8.21
N PRO A 120 7.26 25.59 8.25
CA PRO A 120 8.02 25.72 9.50
C PRO A 120 7.81 27.06 10.23
N ASP A 121 7.56 28.13 9.50
CA ASP A 121 7.39 29.43 10.10
C ASP A 121 6.06 29.62 10.83
N GLY A 122 5.20 28.61 10.79
CA GLY A 122 3.92 28.72 11.46
C GLY A 122 2.75 29.12 10.59
N THR A 123 3.02 29.54 9.36
CA THR A 123 1.95 29.92 8.43
C THR A 123 1.29 28.65 7.90
N PHE A 124 0.07 28.77 7.39
CA PHE A 124 -0.62 27.59 6.89
C PHE A 124 -1.82 27.89 5.99
N VAL A 125 -2.29 26.83 5.34
CA VAL A 125 -3.44 26.89 4.46
C VAL A 125 -4.40 25.83 4.99
N VAL A 126 -5.70 26.12 4.96
CA VAL A 126 -6.69 25.16 5.43
C VAL A 126 -7.67 24.79 4.33
N ARG A 127 -7.86 23.49 4.16
CA ARG A 127 -8.78 22.95 3.17
C ARG A 127 -9.50 21.78 3.84
N THR A 128 -10.75 21.55 3.46
CA THR A 128 -11.51 20.44 4.02
C THR A 128 -11.14 19.18 3.26
N VAL A 129 -11.47 18.02 3.82
CA VAL A 129 -11.19 16.75 3.15
C VAL A 129 -11.99 16.72 1.85
N GLN A 130 -13.19 17.29 1.87
CA GLN A 130 -14.01 17.32 0.68
C GLN A 130 -13.33 18.07 -0.47
N GLU A 131 -12.74 19.23 -0.15
CA GLU A 131 -12.05 20.04 -1.16
C GLU A 131 -10.79 19.34 -1.64
N LEU A 132 -10.14 18.62 -0.74
CA LEU A 132 -8.92 17.90 -1.08
C LEU A 132 -9.20 16.62 -1.86
N LEU A 133 -10.44 16.17 -1.84
CA LEU A 133 -10.79 14.94 -2.56
C LEU A 133 -12.18 15.01 -3.20
N PRO A 134 -12.35 15.85 -4.23
CA PRO A 134 -13.60 16.06 -4.96
C PRO A 134 -14.18 14.77 -5.54
N ALA A 135 -15.51 14.68 -5.58
CA ALA A 135 -16.20 13.51 -6.13
C ALA A 135 -15.49 12.26 -5.65
N SER A 136 -15.27 12.19 -4.33
CA SER A 136 -14.57 11.07 -3.74
C SER A 136 -15.21 9.70 -3.86
N PHE A 137 -14.37 8.69 -4.03
CA PHE A 137 -14.84 7.32 -4.06
C PHE A 137 -15.01 7.07 -2.56
N GLY A 138 -15.96 6.23 -2.17
CA GLY A 138 -16.13 5.99 -0.75
C GLY A 138 -17.05 4.84 -0.40
N PRO A 139 -17.44 4.73 0.88
CA PRO A 139 -18.33 3.66 1.34
C PRO A 139 -19.59 3.50 0.47
N GLU A 140 -20.12 4.63 -0.03
CA GLU A 140 -21.33 4.59 -0.87
C GLU A 140 -21.17 3.70 -2.11
N ASP A 141 -19.94 3.59 -2.58
CA ASP A 141 -19.67 2.80 -3.78
C ASP A 141 -19.91 1.31 -3.54
N LEU A 142 -19.72 0.87 -2.31
CA LEU A 142 -19.94 -0.53 -1.98
C LEU A 142 -21.30 -0.65 -1.28
N GLN A 143 -22.14 0.35 -1.48
CA GLN A 143 -23.47 0.38 -0.90
C GLN A 143 -23.37 0.04 0.57
N LYS A 144 -22.46 0.73 1.26
CA LYS A 144 -22.23 0.51 2.68
C LYS A 144 -22.95 1.50 3.59
N ILE A 145 -23.58 2.50 3.00
CA ILE A 145 -24.30 3.49 3.77
C ILE A 145 -25.80 3.23 3.63
N GLN A 146 -26.39 2.70 4.69
CA GLN A 146 -27.82 2.38 4.69
C GLN A 146 -28.46 2.35 6.07
N VAL B 10 -9.60 15.55 -26.08
CA VAL B 10 -8.94 14.49 -26.90
C VAL B 10 -9.85 14.07 -28.05
N GLU B 11 -9.26 13.58 -29.14
CA GLU B 11 -10.04 13.17 -30.30
C GLU B 11 -11.19 12.24 -29.85
N PRO B 12 -12.43 12.54 -30.27
CA PRO B 12 -13.60 11.72 -29.93
C PRO B 12 -13.49 10.29 -30.41
N GLU B 13 -12.61 10.07 -31.37
CA GLU B 13 -12.36 8.76 -31.93
C GLU B 13 -11.66 7.98 -30.81
N HIS B 14 -10.72 8.68 -30.16
CA HIS B 14 -9.94 8.11 -29.06
C HIS B 14 -10.77 7.93 -27.80
N VAL B 15 -11.60 8.91 -27.50
CA VAL B 15 -12.46 8.85 -26.33
C VAL B 15 -13.29 7.58 -26.34
N GLN B 16 -13.88 7.29 -27.49
CA GLN B 16 -14.73 6.11 -27.62
C GLN B 16 -13.95 4.82 -27.48
N ARG B 17 -12.80 4.74 -28.14
CA ARG B 17 -11.96 3.56 -28.07
C ARG B 17 -11.49 3.40 -26.63
N LEU B 18 -11.24 4.52 -25.96
CA LEU B 18 -10.79 4.51 -24.57
C LEU B 18 -11.89 3.99 -23.63
N LEU B 19 -13.11 4.48 -23.84
CA LEU B 19 -14.24 4.06 -23.02
C LEU B 19 -14.55 2.58 -23.20
N LEU B 20 -14.48 2.07 -24.43
CA LEU B 20 -14.75 0.66 -24.67
C LEU B 20 -13.68 -0.23 -24.05
N SER B 21 -12.43 0.20 -24.19
CA SER B 21 -11.30 -0.55 -23.67
C SER B 21 -11.38 -0.70 -22.14
N SER B 22 -11.88 0.35 -21.49
CA SER B 22 -12.02 0.36 -20.05
C SER B 22 -13.06 -0.65 -19.57
N ARG B 23 -14.16 -0.77 -20.31
CA ARG B 23 -15.23 -1.70 -19.95
C ARG B 23 -14.81 -3.13 -20.22
N GLU B 24 -14.11 -3.32 -21.33
CA GLU B 24 -13.62 -4.64 -21.73
C GLU B 24 -12.62 -5.14 -20.69
N ALA B 25 -11.78 -4.23 -20.20
CA ALA B 25 -10.76 -4.57 -19.21
C ALA B 25 -11.38 -5.07 -17.92
N LYS B 26 -12.56 -4.56 -17.61
CA LYS B 26 -13.28 -4.95 -16.40
C LYS B 26 -13.55 -6.47 -16.33
N LYS B 27 -13.58 -7.14 -17.48
CA LYS B 27 -13.86 -8.58 -17.53
C LYS B 27 -12.78 -9.44 -16.88
N SER B 28 -11.56 -8.90 -16.82
CA SER B 28 -10.46 -9.65 -16.23
C SER B 28 -10.33 -9.43 -14.72
N ALA B 29 -11.07 -8.46 -14.17
CA ALA B 29 -11.00 -8.15 -12.74
C ALA B 29 -10.97 -9.36 -11.81
N TYR B 30 -10.04 -9.35 -10.86
CA TYR B 30 -9.95 -10.42 -9.87
C TYR B 30 -10.41 -9.76 -8.57
N CYS B 31 -11.70 -9.92 -8.27
CA CYS B 31 -12.27 -9.30 -7.08
C CYS B 31 -13.27 -10.20 -6.37
N PRO B 32 -12.85 -11.42 -5.99
CA PRO B 32 -13.73 -12.36 -5.30
C PRO B 32 -14.13 -11.90 -3.90
N TYR B 33 -13.43 -10.91 -3.37
CA TYR B 33 -13.73 -10.43 -2.03
C TYR B 33 -14.78 -9.33 -2.01
N SER B 34 -14.63 -8.35 -2.90
CA SER B 34 -15.58 -7.25 -2.97
C SER B 34 -16.69 -7.52 -3.98
N ARG B 35 -16.36 -8.31 -5.00
CA ARG B 35 -17.29 -8.65 -6.06
C ARG B 35 -17.70 -7.34 -6.73
N PHE B 36 -16.77 -6.41 -6.73
CA PHE B 36 -16.96 -5.09 -7.31
C PHE B 36 -15.84 -4.95 -8.35
N PRO B 37 -16.09 -5.46 -9.58
CA PRO B 37 -15.08 -5.38 -10.64
C PRO B 37 -14.94 -3.99 -11.23
N VAL B 38 -13.71 -3.61 -11.56
CA VAL B 38 -13.44 -2.30 -12.14
C VAL B 38 -12.42 -2.39 -13.27
N GLY B 39 -12.66 -1.65 -14.36
CA GLY B 39 -11.73 -1.64 -15.47
C GLY B 39 -11.27 -0.23 -15.73
N ALA B 40 -10.09 -0.08 -16.35
CA ALA B 40 -9.57 1.24 -16.66
C ALA B 40 -8.75 1.20 -17.95
N ALA B 41 -8.76 2.30 -18.69
CA ALA B 41 -8.02 2.40 -19.94
C ALA B 41 -7.27 3.71 -19.99
N LEU B 42 -5.98 3.62 -20.29
CA LEU B 42 -5.11 4.79 -20.35
C LEU B 42 -4.68 5.10 -21.79
N LEU B 43 -4.74 6.38 -22.15
CA LEU B 43 -4.34 6.79 -23.49
C LEU B 43 -3.04 7.59 -23.42
N THR B 44 -2.00 7.12 -24.12
CA THR B 44 -0.73 7.83 -24.10
C THR B 44 -0.74 8.94 -25.14
N GLY B 45 0.25 9.81 -25.08
CA GLY B 45 0.34 10.91 -26.00
C GLY B 45 0.38 10.51 -27.47
N ASP B 46 0.92 9.33 -27.77
CA ASP B 46 1.02 8.90 -29.15
C ASP B 46 -0.12 7.98 -29.61
N GLY B 47 -1.23 7.98 -28.88
CA GLY B 47 -2.37 7.15 -29.26
C GLY B 47 -2.45 5.71 -28.80
N ARG B 48 -1.41 5.21 -28.15
CA ARG B 48 -1.40 3.83 -27.67
C ARG B 48 -2.31 3.73 -26.43
N ILE B 49 -2.97 2.60 -26.27
CA ILE B 49 -3.87 2.41 -25.13
C ILE B 49 -3.49 1.25 -24.22
N PHE B 50 -3.39 1.50 -22.93
CA PHE B 50 -3.08 0.46 -21.95
C PHE B 50 -4.23 0.36 -20.96
N SER B 51 -4.75 -0.86 -20.79
CA SER B 51 -5.87 -1.06 -19.88
C SER B 51 -5.46 -1.81 -18.61
N GLY B 52 -6.38 -1.86 -17.65
CA GLY B 52 -6.12 -2.55 -16.40
C GLY B 52 -7.39 -2.84 -15.64
N CYS B 53 -7.28 -3.66 -14.60
CA CYS B 53 -8.41 -4.03 -13.76
C CYS B 53 -7.94 -4.15 -12.31
N ASN B 54 -8.88 -4.17 -11.37
CA ASN B 54 -8.50 -4.31 -9.97
C ASN B 54 -8.19 -5.77 -9.66
N ILE B 55 -7.18 -5.98 -8.82
CA ILE B 55 -6.73 -7.30 -8.43
C ILE B 55 -6.61 -7.33 -6.91
N GLU B 56 -7.59 -7.94 -6.26
CA GLU B 56 -7.61 -7.99 -4.80
C GLU B 56 -6.77 -9.11 -4.24
N ASN B 57 -6.64 -9.11 -2.91
CA ASN B 57 -5.84 -10.11 -2.20
C ASN B 57 -6.55 -10.49 -0.90
N ALA B 58 -6.34 -11.72 -0.44
CA ALA B 58 -6.93 -12.22 0.81
C ALA B 58 -6.73 -11.18 1.91
N CYS B 59 -5.54 -10.58 1.96
CA CYS B 59 -5.29 -9.53 2.93
C CYS B 59 -5.58 -8.27 2.12
N TYR B 60 -6.77 -7.71 2.33
CA TYR B 60 -7.24 -6.54 1.60
C TYR B 60 -6.24 -5.44 1.20
N PRO B 61 -5.38 -4.98 2.13
CA PRO B 61 -4.42 -3.92 1.79
C PRO B 61 -3.51 -4.21 0.60
N LEU B 62 -3.33 -5.49 0.26
CA LEU B 62 -2.43 -5.85 -0.83
C LEU B 62 -3.03 -5.84 -2.23
N GLY B 63 -4.29 -5.46 -2.34
CA GLY B 63 -4.92 -5.40 -3.63
C GLY B 63 -4.43 -4.16 -4.38
N VAL B 64 -4.82 -4.04 -5.64
CA VAL B 64 -4.44 -2.89 -6.45
C VAL B 64 -5.65 -2.49 -7.28
N CYS B 65 -5.75 -1.20 -7.59
CA CYS B 65 -6.87 -0.68 -8.37
C CYS B 65 -6.62 -0.77 -9.87
N ALA B 66 -7.70 -0.65 -10.65
CA ALA B 66 -7.62 -0.73 -12.11
C ALA B 66 -6.73 0.34 -12.70
N GLU B 67 -6.91 1.59 -12.25
CA GLU B 67 -6.11 2.70 -12.77
C GLU B 67 -4.63 2.44 -12.68
N ARG B 68 -4.17 2.06 -11.48
CA ARG B 68 -2.75 1.81 -11.29
C ARG B 68 -2.26 0.60 -12.05
N THR B 69 -3.12 -0.41 -12.21
CA THR B 69 -2.72 -1.59 -12.95
C THR B 69 -2.43 -1.17 -14.39
N ALA B 70 -3.24 -0.25 -14.90
CA ALA B 70 -3.09 0.24 -16.26
C ALA B 70 -1.89 1.16 -16.40
N ILE B 71 -1.77 2.11 -15.46
CA ILE B 71 -0.66 3.05 -15.46
C ILE B 71 0.66 2.32 -15.30
N GLN B 72 0.71 1.39 -14.35
CA GLN B 72 1.92 0.62 -14.11
C GLN B 72 2.31 -0.14 -15.37
N LYS B 73 1.31 -0.69 -16.07
CA LYS B 73 1.57 -1.43 -17.31
C LYS B 73 2.20 -0.51 -18.35
N ALA B 74 1.55 0.63 -18.58
CA ALA B 74 2.02 1.61 -19.56
C ALA B 74 3.48 2.00 -19.31
N ILE B 75 3.79 2.36 -18.07
CA ILE B 75 5.14 2.78 -17.70
C ILE B 75 6.17 1.68 -17.90
N SER B 76 5.82 0.45 -17.57
CA SER B 76 6.74 -0.68 -17.72
C SER B 76 7.07 -0.91 -19.20
N GLU B 77 6.20 -0.41 -20.08
CA GLU B 77 6.37 -0.56 -21.53
C GLU B 77 7.06 0.66 -22.13
N GLY B 78 7.56 1.55 -21.26
CA GLY B 78 8.27 2.73 -21.73
C GLY B 78 7.45 3.99 -21.95
N TYR B 79 6.17 3.99 -21.57
CA TYR B 79 5.33 5.16 -21.77
C TYR B 79 5.01 5.90 -20.49
N LYS B 80 5.23 7.21 -20.50
CA LYS B 80 4.98 8.04 -19.35
C LYS B 80 4.28 9.35 -19.68
N ASP B 81 3.86 9.48 -20.94
CA ASP B 81 3.17 10.69 -21.39
C ASP B 81 1.70 10.33 -21.63
N PHE B 82 0.85 10.68 -20.67
CA PHE B 82 -0.56 10.36 -20.75
C PHE B 82 -1.46 11.55 -21.05
N ARG B 83 -2.53 11.28 -21.80
CA ARG B 83 -3.49 12.31 -22.18
C ARG B 83 -4.83 12.13 -21.47
N ALA B 84 -5.20 10.87 -21.20
CA ALA B 84 -6.47 10.60 -20.55
C ALA B 84 -6.56 9.18 -20.03
N ILE B 85 -7.50 8.95 -19.12
CA ILE B 85 -7.72 7.63 -18.56
C ILE B 85 -9.22 7.53 -18.25
N ALA B 86 -9.81 6.40 -18.61
CA ALA B 86 -11.23 6.17 -18.38
C ALA B 86 -11.40 5.03 -17.37
N ILE B 87 -12.45 5.11 -16.57
CA ILE B 87 -12.72 4.10 -15.55
C ILE B 87 -14.14 3.58 -15.68
N SER B 88 -14.30 2.26 -15.53
CA SER B 88 -15.62 1.64 -15.63
C SER B 88 -15.82 0.64 -14.51
N SER B 89 -17.05 0.58 -14.00
CA SER B 89 -17.41 -0.35 -12.94
C SER B 89 -18.84 -0.80 -13.23
N ASP B 90 -19.42 -1.55 -12.31
CA ASP B 90 -20.78 -2.02 -12.47
C ASP B 90 -21.76 -1.17 -11.67
N LEU B 91 -21.24 -0.18 -10.95
CA LEU B 91 -22.09 0.70 -10.14
C LEU B 91 -22.98 1.54 -11.04
N GLN B 92 -24.29 1.33 -10.96
CA GLN B 92 -25.26 2.06 -11.78
C GLN B 92 -25.56 3.47 -11.29
N GLU B 93 -25.80 3.58 -9.99
CA GLU B 93 -26.16 4.83 -9.33
C GLU B 93 -25.18 6.00 -9.35
N GLU B 94 -23.90 5.75 -9.57
CA GLU B 94 -22.92 6.83 -9.54
C GLU B 94 -21.72 6.62 -10.47
N PHE B 95 -21.11 7.72 -10.90
CA PHE B 95 -19.93 7.65 -11.77
C PHE B 95 -18.81 7.08 -10.90
N ILE B 96 -18.07 6.13 -11.45
CA ILE B 96 -16.98 5.51 -10.73
C ILE B 96 -15.81 6.49 -10.73
N SER B 97 -15.35 6.89 -9.55
CA SER B 97 -14.25 7.83 -9.48
C SER B 97 -13.03 7.19 -8.84
N PRO B 98 -11.84 7.61 -9.26
CA PRO B 98 -10.57 7.09 -8.74
C PRO B 98 -10.34 7.37 -7.25
N CYS B 99 -9.78 6.40 -6.54
CA CYS B 99 -9.50 6.58 -5.11
C CYS B 99 -8.29 7.51 -5.03
N GLY B 100 -8.06 8.10 -3.86
CA GLY B 100 -6.95 9.00 -3.69
C GLY B 100 -5.57 8.47 -4.07
N ALA B 101 -5.33 7.18 -3.80
CA ALA B 101 -4.04 6.59 -4.11
C ALA B 101 -3.77 6.65 -5.62
N CYS B 102 -4.77 6.31 -6.42
CA CYS B 102 -4.61 6.34 -7.85
C CYS B 102 -4.43 7.78 -8.33
N ARG B 103 -5.15 8.71 -7.71
CA ARG B 103 -5.03 10.11 -8.10
C ARG B 103 -3.59 10.56 -7.86
N GLN B 104 -2.95 10.03 -6.81
CA GLN B 104 -1.58 10.40 -6.49
C GLN B 104 -0.60 9.80 -7.50
N VAL B 105 -0.90 8.59 -7.98
CA VAL B 105 -0.06 7.95 -8.98
C VAL B 105 -0.22 8.69 -10.31
N MET B 106 -1.45 9.12 -10.58
CA MET B 106 -1.70 9.86 -11.82
C MET B 106 -0.89 11.15 -11.78
N ARG B 107 -0.99 11.87 -10.66
CA ARG B 107 -0.30 13.14 -10.47
C ARG B 107 1.21 13.04 -10.66
N GLU B 108 1.78 11.91 -10.29
CA GLU B 108 3.22 11.69 -10.43
C GLU B 108 3.63 11.98 -11.88
N PHE B 109 2.70 11.78 -12.81
CA PHE B 109 3.02 12.01 -14.22
C PHE B 109 2.25 13.12 -14.90
N GLY B 110 1.95 14.18 -14.15
CA GLY B 110 1.25 15.30 -14.74
C GLY B 110 -0.08 15.58 -14.08
N THR B 111 -0.49 16.84 -14.11
CA THR B 111 -1.75 17.25 -13.51
C THR B 111 -2.73 17.72 -14.58
N ASP B 112 -2.24 17.91 -15.79
CA ASP B 112 -3.08 18.41 -16.89
C ASP B 112 -3.86 17.41 -17.74
N TRP B 113 -3.87 16.14 -17.38
CA TRP B 113 -4.62 15.19 -18.21
C TRP B 113 -6.01 14.84 -17.69
N ALA B 114 -6.82 14.27 -18.59
CA ALA B 114 -8.21 13.94 -18.29
C ALA B 114 -8.54 12.59 -17.68
N VAL B 115 -9.54 12.60 -16.82
CA VAL B 115 -10.03 11.41 -16.14
C VAL B 115 -11.51 11.28 -16.46
N TYR B 116 -11.87 10.20 -17.15
CA TYR B 116 -13.25 9.96 -17.52
C TYR B 116 -13.90 9.01 -16.51
N MET B 117 -14.80 9.55 -15.69
CA MET B 117 -15.52 8.78 -14.69
C MET B 117 -16.88 8.42 -15.28
N THR B 118 -17.06 7.15 -15.61
CA THR B 118 -18.28 6.69 -16.27
C THR B 118 -19.29 5.91 -15.44
N LYS B 119 -20.45 5.66 -16.07
CA LYS B 119 -21.51 4.85 -15.49
C LYS B 119 -21.69 3.76 -16.53
N PRO B 120 -22.29 2.62 -16.13
CA PRO B 120 -22.50 1.51 -17.06
C PRO B 120 -23.24 1.83 -18.37
N ASP B 121 -24.06 2.87 -18.36
CA ASP B 121 -24.82 3.24 -19.55
C ASP B 121 -24.02 4.04 -20.58
N GLY B 122 -22.83 4.52 -20.23
CA GLY B 122 -22.05 5.26 -21.19
C GLY B 122 -21.88 6.74 -20.86
N THR B 123 -22.70 7.25 -19.95
CA THR B 123 -22.57 8.65 -19.56
C THR B 123 -21.31 8.77 -18.70
N PHE B 124 -20.80 9.99 -18.56
CA PHE B 124 -19.60 10.20 -17.79
C PHE B 124 -19.37 11.67 -17.46
N VAL B 125 -18.41 11.91 -16.58
CA VAL B 125 -18.02 13.25 -16.20
C VAL B 125 -16.50 13.28 -16.35
N VAL B 126 -15.99 14.39 -16.89
CA VAL B 126 -14.56 14.52 -17.08
C VAL B 126 -13.99 15.55 -16.13
N ARG B 127 -12.84 15.22 -15.53
CA ARG B 127 -12.15 16.11 -14.60
C ARG B 127 -10.67 15.86 -14.82
N THR B 128 -9.85 16.92 -14.69
CA THR B 128 -8.41 16.76 -14.86
C THR B 128 -7.84 16.20 -13.56
N VAL B 129 -6.61 15.71 -13.61
CA VAL B 129 -5.97 15.15 -12.43
C VAL B 129 -5.84 16.24 -11.37
N GLN B 130 -5.60 17.47 -11.82
CA GLN B 130 -5.46 18.61 -10.91
C GLN B 130 -6.76 18.88 -10.13
N GLU B 131 -7.89 18.84 -10.84
CA GLU B 131 -9.18 19.08 -10.20
C GLU B 131 -9.53 17.99 -9.20
N LEU B 132 -9.02 16.79 -9.41
CA LEU B 132 -9.31 15.67 -8.52
C LEU B 132 -8.32 15.59 -7.35
N LEU B 133 -7.20 16.29 -7.47
CA LEU B 133 -6.19 16.28 -6.42
C LEU B 133 -5.60 17.69 -6.27
N PRO B 134 -6.39 18.64 -5.75
CA PRO B 134 -5.97 20.03 -5.54
C PRO B 134 -4.84 20.21 -4.52
N ALA B 135 -4.04 21.25 -4.70
CA ALA B 135 -2.94 21.54 -3.81
C ALA B 135 -2.24 20.23 -3.47
N SER B 136 -1.79 19.55 -4.50
CA SER B 136 -1.17 18.25 -4.32
C SER B 136 0.30 18.22 -3.91
N PHE B 137 0.68 17.07 -3.36
CA PHE B 137 2.06 16.83 -2.98
C PHE B 137 2.57 16.18 -4.26
N GLY B 138 3.80 16.48 -4.64
CA GLY B 138 4.32 15.90 -5.87
C GLY B 138 5.83 15.86 -5.96
N PRO B 139 6.37 15.43 -7.10
CA PRO B 139 7.82 15.35 -7.31
C PRO B 139 8.58 16.59 -6.87
N GLU B 140 8.08 17.77 -7.24
CA GLU B 140 8.74 19.02 -6.88
C GLU B 140 8.96 19.21 -5.39
N ASP B 141 8.20 18.50 -4.56
CA ASP B 141 8.39 18.63 -3.12
C ASP B 141 9.71 18.00 -2.71
N LEU B 142 10.21 17.06 -3.51
CA LEU B 142 11.46 16.40 -3.20
C LEU B 142 12.63 16.86 -4.04
N GLN B 143 12.43 17.93 -4.80
CA GLN B 143 13.49 18.47 -5.64
C GLN B 143 13.84 19.89 -5.20
N ALA C 9 10.55 -29.00 -12.43
CA ALA C 9 11.41 -27.77 -12.48
C ALA C 9 11.02 -26.84 -13.62
N VAL C 10 11.99 -26.09 -14.10
CA VAL C 10 11.78 -25.16 -15.21
C VAL C 10 13.02 -25.19 -16.11
N GLU C 11 12.79 -25.54 -17.36
CA GLU C 11 13.84 -25.65 -18.38
C GLU C 11 14.80 -24.46 -18.34
N PRO C 12 16.11 -24.71 -18.51
CA PRO C 12 17.14 -23.67 -18.50
C PRO C 12 16.84 -22.63 -19.57
N GLU C 13 16.03 -23.02 -20.55
CA GLU C 13 15.68 -22.13 -21.64
C GLU C 13 14.69 -21.06 -21.18
N HIS C 14 13.65 -21.48 -20.44
CA HIS C 14 12.66 -20.53 -19.93
C HIS C 14 13.29 -19.65 -18.85
N VAL C 15 14.17 -20.24 -18.06
CA VAL C 15 14.86 -19.51 -17.01
C VAL C 15 15.72 -18.40 -17.64
N GLN C 16 16.37 -18.72 -18.76
CA GLN C 16 17.20 -17.73 -19.45
C GLN C 16 16.32 -16.65 -20.04
N ARG C 17 15.19 -17.06 -20.59
CA ARG C 17 14.25 -16.10 -21.17
C ARG C 17 13.74 -15.20 -20.05
N LEU C 18 13.42 -15.80 -18.89
CA LEU C 18 12.94 -15.04 -17.74
C LEU C 18 14.02 -14.06 -17.31
N LEU C 19 15.23 -14.58 -17.16
CA LEU C 19 16.39 -13.80 -16.76
C LEU C 19 16.61 -12.61 -17.71
N LEU C 20 16.68 -12.87 -19.01
CA LEU C 20 16.88 -11.79 -19.95
C LEU C 20 15.73 -10.81 -19.93
N SER C 21 14.52 -11.33 -19.73
CA SER C 21 13.33 -10.50 -19.71
C SER C 21 13.31 -9.56 -18.50
N SER C 22 13.64 -10.10 -17.32
CA SER C 22 13.65 -9.28 -16.11
C SER C 22 14.71 -8.17 -16.22
N ARG C 23 15.88 -8.53 -16.71
CA ARG C 23 16.97 -7.57 -16.87
C ARG C 23 16.58 -6.49 -17.86
N GLU C 24 15.92 -6.89 -18.94
CA GLU C 24 15.48 -5.94 -19.96
C GLU C 24 14.36 -5.07 -19.39
N ALA C 25 13.50 -5.66 -18.56
CA ALA C 25 12.40 -4.94 -17.96
C ALA C 25 12.93 -3.86 -17.03
N LYS C 26 14.03 -4.17 -16.36
CA LYS C 26 14.65 -3.25 -15.43
C LYS C 26 15.03 -1.90 -16.05
N LYS C 27 15.22 -1.88 -17.37
CA LYS C 27 15.60 -0.65 -18.08
C LYS C 27 14.52 0.42 -18.06
N SER C 28 13.27 0.00 -17.91
CA SER C 28 12.15 0.93 -17.91
C SER C 28 11.80 1.42 -16.50
N ALA C 29 12.46 0.88 -15.48
CA ALA C 29 12.17 1.26 -14.11
C ALA C 29 12.04 2.77 -13.87
N TYR C 30 11.02 3.16 -13.12
CA TYR C 30 10.86 4.57 -12.79
C TYR C 30 11.25 4.64 -11.31
N CYS C 31 12.47 5.06 -11.04
CA CYS C 31 12.95 5.14 -9.68
C CYS C 31 13.91 6.30 -9.43
N PRO C 32 13.45 7.54 -9.67
CA PRO C 32 14.32 8.70 -9.46
C PRO C 32 14.64 8.97 -7.98
N TYR C 33 13.84 8.39 -7.08
CA TYR C 33 14.04 8.62 -5.64
C TYR C 33 15.08 7.71 -5.01
N SER C 34 14.98 6.41 -5.23
CA SER C 34 15.95 5.48 -4.67
C SER C 34 17.09 5.25 -5.65
N ARG C 35 16.76 5.32 -6.94
CA ARG C 35 17.73 5.07 -8.01
C ARG C 35 18.17 3.62 -7.87
N PHE C 36 17.22 2.77 -7.50
CA PHE C 36 17.47 1.35 -7.32
C PHE C 36 16.52 0.66 -8.29
N PRO C 37 16.94 0.52 -9.56
CA PRO C 37 16.10 -0.13 -10.56
C PRO C 37 15.94 -1.62 -10.34
N VAL C 38 14.72 -2.12 -10.54
CA VAL C 38 14.46 -3.54 -10.37
C VAL C 38 13.59 -4.01 -11.53
N GLY C 39 13.89 -5.21 -12.02
CA GLY C 39 13.12 -5.77 -13.12
C GLY C 39 12.62 -7.14 -12.71
N ALA C 40 11.50 -7.54 -13.29
CA ALA C 40 10.90 -8.83 -12.98
C ALA C 40 10.17 -9.38 -14.20
N ALA C 41 10.11 -10.71 -14.28
CA ALA C 41 9.43 -11.36 -15.38
C ALA C 41 8.86 -12.68 -14.88
N LEU C 42 7.60 -12.95 -15.19
CA LEU C 42 6.99 -14.20 -14.74
C LEU C 42 6.59 -15.07 -15.92
N LEU C 43 6.59 -16.39 -15.68
CA LEU C 43 6.23 -17.38 -16.68
C LEU C 43 4.90 -18.02 -16.34
N THR C 44 3.97 -17.98 -17.28
CA THR C 44 2.65 -18.56 -17.08
C THR C 44 2.68 -20.03 -17.49
N GLY C 45 1.58 -20.74 -17.26
CA GLY C 45 1.51 -22.14 -17.62
C GLY C 45 1.71 -22.41 -19.09
N ASP C 46 1.08 -21.60 -19.94
CA ASP C 46 1.18 -21.79 -21.38
C ASP C 46 2.48 -21.28 -22.00
N GLY C 47 3.40 -20.83 -21.15
CA GLY C 47 4.68 -20.36 -21.67
C GLY C 47 4.81 -18.87 -21.98
N ARG C 48 3.76 -18.09 -21.73
CA ARG C 48 3.84 -16.66 -22.01
C ARG C 48 4.59 -15.95 -20.88
N ILE C 49 5.33 -14.91 -21.23
CA ILE C 49 6.10 -14.15 -20.26
C ILE C 49 5.60 -12.72 -20.12
N PHE C 50 5.47 -12.26 -18.89
CA PHE C 50 5.04 -10.89 -18.61
C PHE C 50 6.09 -10.30 -17.69
N SER C 51 6.52 -9.08 -17.97
CA SER C 51 7.55 -8.46 -17.17
C SER C 51 7.08 -7.17 -16.51
N GLY C 52 7.90 -6.67 -15.60
CA GLY C 52 7.57 -5.44 -14.91
C GLY C 52 8.82 -4.85 -14.28
N CYS C 53 8.68 -3.62 -13.79
CA CYS C 53 9.76 -2.91 -13.14
C CYS C 53 9.15 -2.11 -12.00
N ASN C 54 9.97 -1.67 -11.06
CA ASN C 54 9.44 -0.87 -9.96
C ASN C 54 9.07 0.50 -10.49
N ILE C 55 8.05 1.11 -9.90
CA ILE C 55 7.55 2.43 -10.30
C ILE C 55 7.27 3.19 -9.02
N GLU C 56 8.20 4.08 -8.65
CA GLU C 56 8.08 4.85 -7.42
C GLU C 56 7.16 6.07 -7.50
N ASN C 57 7.00 6.77 -6.38
CA ASN C 57 6.14 7.96 -6.32
C ASN C 57 6.75 8.98 -5.35
N ALA C 58 6.48 10.26 -5.58
CA ALA C 58 6.99 11.31 -4.71
C ALA C 58 6.71 10.94 -3.26
N CYS C 59 5.53 10.36 -3.03
CA CYS C 59 5.15 9.90 -1.70
C CYS C 59 5.52 8.42 -1.75
N TYR C 60 6.68 8.07 -1.19
CA TYR C 60 7.19 6.71 -1.22
C TYR C 60 6.22 5.54 -1.11
N PRO C 61 5.26 5.59 -0.18
CA PRO C 61 4.29 4.50 -0.01
C PRO C 61 3.45 4.15 -1.23
N LEU C 62 3.38 5.05 -2.19
CA LEU C 62 2.57 4.80 -3.38
C LEU C 62 3.28 4.15 -4.55
N GLY C 63 4.54 3.81 -4.36
CA GLY C 63 5.27 3.16 -5.42
C GLY C 63 4.82 1.72 -5.49
N VAL C 64 5.37 0.97 -6.46
CA VAL C 64 5.05 -0.44 -6.62
C VAL C 64 6.32 -1.18 -6.99
N CYS C 65 6.39 -2.46 -6.62
CA CYS C 65 7.55 -3.29 -6.91
C CYS C 65 7.47 -3.90 -8.30
N ALA C 66 8.62 -4.33 -8.81
CA ALA C 66 8.70 -4.93 -10.13
C ALA C 66 7.83 -6.18 -10.26
N GLU C 67 7.85 -7.05 -9.25
CA GLU C 67 7.07 -8.28 -9.28
C GLU C 67 5.57 -8.07 -9.41
N ARG C 68 5.02 -7.16 -8.62
CA ARG C 68 3.60 -6.89 -8.66
C ARG C 68 3.21 -6.21 -9.97
N THR C 69 4.12 -5.44 -10.54
CA THR C 69 3.82 -4.80 -11.82
C THR C 69 3.65 -5.90 -12.86
N ALA C 70 4.52 -6.89 -12.79
CA ALA C 70 4.50 -8.02 -13.71
C ALA C 70 3.26 -8.90 -13.49
N ILE C 71 3.03 -9.28 -12.24
CA ILE C 71 1.89 -10.12 -11.90
C ILE C 71 0.55 -9.46 -12.27
N GLN C 72 0.42 -8.18 -11.97
CA GLN C 72 -0.82 -7.48 -12.27
C GLN C 72 -1.02 -7.37 -13.77
N LYS C 73 0.08 -7.21 -14.49
CA LYS C 73 0.02 -7.12 -15.94
C LYS C 73 -0.51 -8.46 -16.47
N ALA C 74 0.05 -9.56 -15.97
CA ALA C 74 -0.36 -10.89 -16.38
C ALA C 74 -1.86 -11.08 -16.14
N ILE C 75 -2.29 -10.88 -14.91
CA ILE C 75 -3.70 -11.04 -14.54
C ILE C 75 -4.63 -10.15 -15.36
N SER C 76 -4.21 -8.91 -15.61
CA SER C 76 -5.03 -7.99 -16.38
C SER C 76 -5.27 -8.52 -17.79
N GLU C 77 -4.35 -9.38 -18.27
CA GLU C 77 -4.46 -9.96 -19.59
C GLU C 77 -5.18 -11.31 -19.52
N GLY C 78 -5.59 -11.71 -18.32
CA GLY C 78 -6.31 -12.96 -18.17
C GLY C 78 -5.52 -14.17 -17.70
N TYR C 79 -4.28 -13.99 -17.28
CA TYR C 79 -3.48 -15.12 -16.83
C TYR C 79 -3.36 -15.17 -15.31
N LYS C 80 -3.65 -16.33 -14.74
CA LYS C 80 -3.55 -16.48 -13.30
C LYS C 80 -2.82 -17.77 -12.92
N ASP C 81 -2.20 -18.41 -13.90
CA ASP C 81 -1.45 -19.63 -13.66
C ASP C 81 0.03 -19.34 -13.84
N PHE C 82 0.77 -19.29 -12.75
CA PHE C 82 2.19 -18.97 -12.82
C PHE C 82 3.08 -20.13 -12.44
N ARG C 83 4.17 -20.29 -13.19
CA ARG C 83 5.12 -21.36 -12.95
C ARG C 83 6.36 -20.83 -12.25
N ALA C 84 6.75 -19.61 -12.61
CA ALA C 84 7.93 -19.01 -12.04
C ALA C 84 8.03 -17.54 -12.32
N ILE C 85 8.80 -16.85 -11.50
CA ILE C 85 9.04 -15.42 -11.65
C ILE C 85 10.52 -15.16 -11.33
N ALA C 86 11.16 -14.32 -12.13
CA ALA C 86 12.57 -13.97 -11.95
C ALA C 86 12.71 -12.49 -11.62
N ILE C 87 13.62 -12.17 -10.70
CA ILE C 87 13.84 -10.79 -10.28
C ILE C 87 15.29 -10.41 -10.51
N SER C 88 15.52 -9.18 -10.99
CA SER C 88 16.87 -8.69 -11.25
C SER C 88 17.06 -7.26 -10.79
N SER C 89 18.27 -6.95 -10.29
CA SER C 89 18.59 -5.60 -9.85
C SER C 89 20.06 -5.30 -10.14
N ASP C 90 20.54 -4.14 -9.72
CA ASP C 90 21.93 -3.75 -9.93
C ASP C 90 22.77 -4.11 -8.70
N LEU C 91 22.17 -4.78 -7.73
CA LEU C 91 22.90 -5.20 -6.52
C LEU C 91 23.90 -6.26 -6.92
N GLN C 92 25.17 -5.91 -6.95
CA GLN C 92 26.22 -6.83 -7.35
C GLN C 92 26.42 -8.03 -6.43
N GLU C 93 26.69 -7.80 -5.15
CA GLU C 93 26.93 -8.93 -4.27
C GLU C 93 25.78 -9.36 -3.37
N GLU C 94 24.60 -9.45 -3.95
CA GLU C 94 23.43 -9.85 -3.19
C GLU C 94 22.33 -10.31 -4.15
N PHE C 95 21.72 -11.45 -3.85
CA PHE C 95 20.62 -11.95 -4.68
C PHE C 95 19.42 -11.07 -4.32
N ILE C 96 18.79 -10.46 -5.32
CA ILE C 96 17.65 -9.60 -5.06
C ILE C 96 16.45 -10.45 -4.62
N SER C 97 15.98 -10.19 -3.40
CA SER C 97 14.86 -10.91 -2.82
C SER C 97 13.57 -10.10 -2.83
N PRO C 98 12.44 -10.75 -3.12
CA PRO C 98 11.17 -10.04 -3.15
C PRO C 98 10.74 -9.61 -1.75
N CYS C 99 10.13 -8.43 -1.64
CA CYS C 99 9.66 -7.94 -0.35
C CYS C 99 8.46 -8.78 0.09
N GLY C 100 8.06 -8.63 1.35
CA GLY C 100 6.94 -9.38 1.87
C GLY C 100 5.61 -9.12 1.17
N ALA C 101 5.38 -7.90 0.74
CA ALA C 101 4.13 -7.56 0.07
C ALA C 101 4.01 -8.35 -1.24
N CYS C 102 5.10 -8.43 -2.00
CA CYS C 102 5.08 -9.18 -3.25
C CYS C 102 4.90 -10.67 -3.00
N ARG C 103 5.51 -11.18 -1.94
CA ARG C 103 5.39 -12.60 -1.62
C ARG C 103 3.93 -12.93 -1.34
N GLN C 104 3.24 -12.03 -0.64
CA GLN C 104 1.82 -12.23 -0.31
C GLN C 104 0.93 -12.15 -1.55
N VAL C 105 1.31 -11.33 -2.53
CA VAL C 105 0.52 -11.23 -3.76
C VAL C 105 0.78 -12.49 -4.59
N MET C 106 2.01 -12.96 -4.58
CA MET C 106 2.37 -14.18 -5.31
C MET C 106 1.57 -15.33 -4.73
N ARG C 107 1.47 -15.36 -3.40
CA ARG C 107 0.78 -16.44 -2.70
C ARG C 107 -0.70 -16.51 -3.02
N GLU C 108 -1.31 -15.37 -3.34
CA GLU C 108 -2.73 -15.33 -3.67
C GLU C 108 -2.99 -16.26 -4.86
N PHE C 109 -1.96 -16.46 -5.67
CA PHE C 109 -2.10 -17.30 -6.86
C PHE C 109 -1.30 -18.61 -6.82
N GLY C 110 -1.14 -19.15 -5.61
CA GLY C 110 -0.41 -20.40 -5.45
C GLY C 110 0.82 -20.28 -4.60
N THR C 111 1.22 -21.38 -3.97
CA THR C 111 2.38 -21.41 -3.10
C THR C 111 3.49 -22.30 -3.66
N ASP C 112 3.15 -23.19 -4.58
CA ASP C 112 4.12 -24.12 -5.13
C ASP C 112 5.01 -23.65 -6.28
N TRP C 113 4.88 -22.39 -6.71
CA TRP C 113 5.72 -21.95 -7.82
C TRP C 113 7.06 -21.36 -7.43
N ALA C 114 7.97 -21.33 -8.39
CA ALA C 114 9.33 -20.87 -8.18
C ALA C 114 9.65 -19.39 -8.35
N VAL C 115 10.51 -18.92 -7.45
CA VAL C 115 10.98 -17.55 -7.46
C VAL C 115 12.50 -17.59 -7.64
N TYR C 116 12.98 -16.88 -8.66
CA TYR C 116 14.41 -16.81 -8.96
C TYR C 116 14.99 -15.47 -8.53
N MET C 117 15.81 -15.52 -7.48
CA MET C 117 16.47 -14.33 -6.96
C MET C 117 17.87 -14.31 -7.57
N THR C 118 18.10 -13.35 -8.46
CA THR C 118 19.35 -13.27 -9.20
C THR C 118 20.33 -12.15 -8.82
N LYS C 119 21.54 -12.29 -9.36
CA LYS C 119 22.60 -11.32 -9.20
C LYS C 119 22.85 -10.87 -10.64
N PRO C 120 23.48 -9.70 -10.82
CA PRO C 120 23.76 -9.20 -12.18
C PRO C 120 24.60 -10.11 -13.07
N ASP C 121 25.31 -11.09 -12.49
CA ASP C 121 26.13 -11.98 -13.30
C ASP C 121 25.39 -13.22 -13.80
N GLY C 122 24.11 -13.33 -13.46
CA GLY C 122 23.35 -14.48 -13.90
C GLY C 122 23.22 -15.58 -12.87
N THR C 123 23.96 -15.48 -11.77
CA THR C 123 23.87 -16.47 -10.70
C THR C 123 22.55 -16.19 -9.98
N PHE C 124 21.97 -17.20 -9.35
CA PHE C 124 20.70 -17.04 -8.69
C PHE C 124 20.40 -18.06 -7.61
N VAL C 125 19.37 -17.77 -6.83
CA VAL C 125 18.89 -18.66 -5.78
C VAL C 125 17.41 -18.83 -6.11
N VAL C 126 16.92 -20.06 -6.07
CA VAL C 126 15.52 -20.30 -6.37
C VAL C 126 14.82 -20.88 -5.16
N ARG C 127 13.64 -20.35 -4.85
CA ARG C 127 12.84 -20.81 -3.72
C ARG C 127 11.37 -20.79 -4.13
N THR C 128 10.57 -21.67 -3.53
CA THR C 128 9.15 -21.69 -3.84
C THR C 128 8.48 -20.55 -3.08
N VAL C 129 7.25 -20.20 -3.46
CA VAL C 129 6.53 -19.13 -2.78
C VAL C 129 6.29 -19.58 -1.34
N GLN C 130 5.96 -20.86 -1.17
CA GLN C 130 5.71 -21.42 0.15
C GLN C 130 6.92 -21.26 1.07
N GLU C 131 8.12 -21.46 0.51
CA GLU C 131 9.34 -21.35 1.29
C GLU C 131 9.71 -19.91 1.64
N LEU C 132 9.25 -18.97 0.82
CA LEU C 132 9.53 -17.56 1.07
C LEU C 132 8.45 -16.93 1.94
N LEU C 133 7.35 -17.64 2.14
CA LEU C 133 6.24 -17.14 2.95
C LEU C 133 5.53 -18.29 3.66
N PRO C 134 6.21 -18.92 4.64
CA PRO C 134 5.63 -20.05 5.39
C PRO C 134 4.49 -19.68 6.36
N ALA C 135 3.63 -20.67 6.64
CA ALA C 135 2.50 -20.47 7.55
C ALA C 135 1.81 -19.18 7.17
N SER C 136 1.54 -19.03 5.88
CA SER C 136 0.93 -17.83 5.34
C SER C 136 -0.56 -17.66 5.50
N PHE C 137 -0.99 -16.41 5.42
CA PHE C 137 -2.39 -16.05 5.48
C PHE C 137 -2.78 -16.18 4.02
N GLY C 138 -3.99 -16.64 3.74
CA GLY C 138 -4.38 -16.80 2.35
C GLY C 138 -5.87 -16.80 2.16
N PRO C 139 -6.34 -16.98 0.92
CA PRO C 139 -7.78 -16.99 0.62
C PRO C 139 -8.56 -17.95 1.51
N GLU C 140 -7.98 -19.10 1.83
CA GLU C 140 -8.66 -20.09 2.64
C GLU C 140 -9.04 -19.61 4.04
N ASP C 141 -8.33 -18.62 4.56
CA ASP C 141 -8.64 -18.12 5.90
C ASP C 141 -9.91 -17.29 5.94
N LEU C 142 -10.33 -16.77 4.79
CA LEU C 142 -11.53 -15.95 4.71
C LEU C 142 -12.75 -16.77 4.34
N GLN C 143 -12.52 -18.02 3.96
CA GLN C 143 -13.62 -18.91 3.60
C GLN C 143 -14.19 -19.50 4.90
N LYS C 144 -13.30 -19.73 5.87
CA LYS C 144 -13.67 -20.28 7.17
C LYS C 144 -13.69 -19.19 8.24
N VAL D 10 0.05 -22.83 31.81
CA VAL D 10 0.43 -21.46 32.26
C VAL D 10 1.61 -20.90 31.48
N GLU D 11 1.46 -19.64 31.04
CA GLU D 11 2.49 -18.97 30.25
C GLU D 11 3.19 -17.86 31.02
N PRO D 12 4.37 -17.42 30.54
CA PRO D 12 5.10 -16.35 31.22
C PRO D 12 4.20 -15.13 31.21
N GLU D 13 4.33 -14.29 32.24
CA GLU D 13 3.53 -13.08 32.33
C GLU D 13 3.46 -12.27 31.04
N HIS D 14 4.61 -11.99 30.43
CA HIS D 14 4.61 -11.22 29.19
C HIS D 14 3.77 -11.89 28.10
N VAL D 15 3.76 -13.22 28.06
CA VAL D 15 2.96 -13.93 27.07
C VAL D 15 1.47 -13.73 27.34
N GLN D 16 1.07 -13.81 28.62
CA GLN D 16 -0.34 -13.63 28.97
C GLN D 16 -0.81 -12.21 28.62
N ARG D 17 0.02 -11.22 28.93
CA ARG D 17 -0.31 -9.83 28.63
C ARG D 17 -0.49 -9.68 27.12
N LEU D 18 0.49 -10.16 26.36
CA LEU D 18 0.44 -10.08 24.91
C LEU D 18 -0.85 -10.69 24.37
N LEU D 19 -1.13 -11.92 24.80
CA LEU D 19 -2.33 -12.64 24.36
C LEU D 19 -3.60 -11.87 24.71
N LEU D 20 -3.66 -11.36 25.93
CA LEU D 20 -4.84 -10.63 26.37
C LEU D 20 -4.99 -9.31 25.63
N SER D 21 -3.90 -8.54 25.53
CA SER D 21 -3.96 -7.25 24.84
C SER D 21 -4.36 -7.42 23.39
N SER D 22 -3.81 -8.43 22.74
CA SER D 22 -4.11 -8.70 21.34
C SER D 22 -5.61 -8.95 21.19
N ARG D 23 -6.15 -9.70 22.14
CA ARG D 23 -7.56 -10.06 22.14
C ARG D 23 -8.42 -8.81 22.33
N GLU D 24 -8.04 -7.95 23.27
CA GLU D 24 -8.77 -6.72 23.55
C GLU D 24 -8.73 -5.72 22.39
N ALA D 25 -7.56 -5.58 21.78
CA ALA D 25 -7.39 -4.64 20.67
C ALA D 25 -8.30 -4.96 19.49
N LYS D 26 -8.68 -6.22 19.37
CA LYS D 26 -9.53 -6.68 18.29
C LYS D 26 -10.89 -6.00 18.31
N LYS D 27 -11.33 -5.54 19.49
CA LYS D 27 -12.62 -4.88 19.63
C LYS D 27 -12.74 -3.55 18.89
N SER D 28 -11.61 -2.86 18.71
CA SER D 28 -11.61 -1.58 18.02
C SER D 28 -11.53 -1.69 16.50
N ALA D 29 -11.37 -2.92 16.01
CA ALA D 29 -11.25 -3.16 14.57
C ALA D 29 -12.32 -2.49 13.73
N TYR D 30 -11.88 -1.78 12.69
CA TYR D 30 -12.79 -1.13 11.75
C TYR D 30 -12.68 -2.00 10.50
N CYS D 31 -13.61 -2.93 10.36
CA CYS D 31 -13.61 -3.86 9.23
C CYS D 31 -15.02 -4.14 8.71
N PRO D 32 -15.76 -3.08 8.35
CA PRO D 32 -17.12 -3.31 7.84
C PRO D 32 -17.17 -4.04 6.50
N TYR D 33 -16.09 -4.02 5.75
CA TYR D 33 -16.10 -4.68 4.45
C TYR D 33 -15.85 -6.19 4.52
N SER D 34 -14.88 -6.61 5.31
CA SER D 34 -14.57 -8.02 5.43
C SER D 34 -15.24 -8.65 6.64
N ARG D 35 -15.62 -7.83 7.62
CA ARG D 35 -16.25 -8.32 8.83
C ARG D 35 -15.34 -9.38 9.46
N PHE D 36 -14.04 -9.21 9.24
CA PHE D 36 -13.01 -10.12 9.76
C PHE D 36 -12.12 -9.28 10.68
N PRO D 37 -12.48 -9.17 11.97
CA PRO D 37 -11.71 -8.39 12.95
C PRO D 37 -10.39 -9.01 13.39
N VAL D 38 -9.35 -8.19 13.45
CA VAL D 38 -8.03 -8.65 13.87
C VAL D 38 -7.42 -7.69 14.88
N GLY D 39 -6.77 -8.24 15.90
CA GLY D 39 -6.14 -7.43 16.92
C GLY D 39 -4.68 -7.82 17.05
N ALA D 40 -3.84 -6.87 17.47
CA ALA D 40 -2.43 -7.16 17.64
C ALA D 40 -1.86 -6.42 18.84
N ALA D 41 -0.87 -7.00 19.49
CA ALA D 41 -0.23 -6.39 20.65
C ALA D 41 1.27 -6.53 20.47
N LEU D 42 1.98 -5.42 20.65
CA LEU D 42 3.44 -5.39 20.47
C LEU D 42 4.18 -5.13 21.77
N LEU D 43 5.06 -6.04 22.14
CA LEU D 43 5.85 -5.91 23.37
C LEU D 43 7.23 -5.35 23.06
N THR D 44 7.55 -4.20 23.66
CA THR D 44 8.85 -3.57 23.46
C THR D 44 9.86 -4.12 24.47
N GLY D 45 11.13 -3.78 24.27
CA GLY D 45 12.17 -4.24 25.16
C GLY D 45 12.00 -3.83 26.62
N ASP D 46 11.54 -2.62 26.86
CA ASP D 46 11.37 -2.13 28.22
C ASP D 46 10.05 -2.53 28.89
N GLY D 47 9.29 -3.40 28.23
CA GLY D 47 8.04 -3.87 28.79
C GLY D 47 6.73 -3.22 28.37
N ARG D 48 6.79 -2.09 27.67
CA ARG D 48 5.56 -1.42 27.25
C ARG D 48 4.87 -2.13 26.09
N ILE D 49 3.54 -2.17 26.13
CA ILE D 49 2.77 -2.82 25.09
C ILE D 49 1.99 -1.85 24.21
N PHE D 50 2.11 -2.00 22.90
CA PHE D 50 1.38 -1.16 21.96
C PHE D 50 0.41 -2.05 21.19
N SER D 51 -0.86 -1.68 21.17
CA SER D 51 -1.87 -2.47 20.48
C SER D 51 -2.28 -1.86 19.14
N GLY D 52 -3.01 -2.64 18.36
CA GLY D 52 -3.49 -2.18 17.07
C GLY D 52 -4.60 -3.09 16.57
N CYS D 53 -5.24 -2.69 15.48
CA CYS D 53 -6.32 -3.47 14.91
C CYS D 53 -6.36 -3.12 13.42
N ASN D 54 -7.01 -3.97 12.63
CA ASN D 54 -7.10 -3.66 11.22
C ASN D 54 -8.10 -2.53 11.03
N ILE D 55 -7.79 -1.64 10.08
CA ILE D 55 -8.64 -0.49 9.77
C ILE D 55 -8.80 -0.48 8.25
N GLU D 56 -9.97 -0.89 7.77
CA GLU D 56 -10.21 -0.97 6.34
C GLU D 56 -10.67 0.33 5.71
N ASN D 57 -10.76 0.31 4.38
CA ASN D 57 -11.19 1.47 3.61
C ASN D 57 -12.09 1.01 2.47
N ALA D 58 -13.05 1.85 2.08
CA ALA D 58 -13.96 1.51 0.99
C ALA D 58 -13.14 0.98 -0.19
N CYS D 59 -12.00 1.61 -0.44
CA CYS D 59 -11.11 1.15 -1.50
C CYS D 59 -10.17 0.22 -0.76
N TYR D 60 -10.47 -1.07 -0.84
CA TYR D 60 -9.71 -2.09 -0.14
C TYR D 60 -8.21 -1.91 0.06
N PRO D 61 -7.46 -1.56 -1.01
CA PRO D 61 -6.01 -1.37 -0.90
C PRO D 61 -5.54 -0.34 0.15
N LEU D 62 -6.42 0.58 0.53
CA LEU D 62 -6.06 1.60 1.51
C LEU D 62 -6.21 1.16 2.97
N GLY D 63 -6.59 -0.10 3.17
CA GLY D 63 -6.73 -0.56 4.54
C GLY D 63 -5.36 -0.81 5.15
N VAL D 64 -5.32 -1.02 6.47
CA VAL D 64 -4.07 -1.32 7.17
C VAL D 64 -4.36 -2.48 8.11
N CYS D 65 -3.36 -3.33 8.32
CA CYS D 65 -3.49 -4.50 9.20
C CYS D 65 -3.21 -4.14 10.66
N ALA D 66 -3.62 -5.03 11.56
CA ALA D 66 -3.43 -4.80 12.98
C ALA D 66 -1.96 -4.72 13.39
N GLU D 67 -1.14 -5.63 12.87
CA GLU D 67 0.28 -5.62 13.22
C GLU D 67 0.95 -4.28 12.93
N ARG D 68 0.71 -3.73 11.73
CA ARG D 68 1.31 -2.46 11.38
C ARG D 68 0.71 -1.28 12.15
N THR D 69 -0.58 -1.35 12.45
CA THR D 69 -1.21 -0.27 13.21
C THR D 69 -0.45 -0.19 14.54
N ALA D 70 -0.16 -1.36 15.11
CA ALA D 70 0.56 -1.45 16.38
C ALA D 70 2.03 -1.04 16.27
N ILE D 71 2.72 -1.51 15.23
CA ILE D 71 4.12 -1.16 15.06
C ILE D 71 4.29 0.35 14.84
N GLN D 72 3.45 0.91 13.97
CA GLN D 72 3.51 2.34 13.68
C GLN D 72 3.20 3.19 14.89
N LYS D 73 2.31 2.70 15.74
CA LYS D 73 1.98 3.42 16.96
C LYS D 73 3.24 3.47 17.82
N ALA D 74 3.88 2.32 18.02
CA ALA D 74 5.09 2.24 18.82
C ALA D 74 6.20 3.17 18.34
N ILE D 75 6.50 3.11 17.04
CA ILE D 75 7.55 3.93 16.46
C ILE D 75 7.24 5.42 16.58
N SER D 76 5.98 5.78 16.36
CA SER D 76 5.58 7.17 16.44
C SER D 76 5.81 7.71 17.85
N GLU D 77 5.83 6.80 18.82
CA GLU D 77 6.04 7.17 20.23
C GLU D 77 7.51 7.08 20.62
N GLY D 78 8.36 6.68 19.67
CA GLY D 78 9.78 6.59 19.96
C GLY D 78 10.33 5.22 20.31
N TYR D 79 9.57 4.15 20.07
CA TYR D 79 10.04 2.81 20.37
C TYR D 79 10.37 2.00 19.11
N LYS D 80 11.58 1.45 19.07
CA LYS D 80 12.04 0.65 17.93
C LYS D 80 12.56 -0.72 18.35
N ASP D 81 12.76 -0.90 19.65
CA ASP D 81 13.26 -2.17 20.17
C ASP D 81 12.06 -3.05 20.50
N PHE D 82 11.73 -3.95 19.58
CA PHE D 82 10.58 -4.82 19.77
C PHE D 82 10.99 -6.23 20.20
N ARG D 83 10.25 -6.78 21.14
CA ARG D 83 10.54 -8.10 21.64
C ARG D 83 9.62 -9.17 21.06
N ALA D 84 8.34 -8.83 20.90
CA ALA D 84 7.38 -9.78 20.36
C ALA D 84 6.06 -9.09 20.01
N ILE D 85 5.25 -9.78 19.22
CA ILE D 85 3.95 -9.25 18.83
C ILE D 85 2.98 -10.42 18.70
N ALA D 86 1.75 -10.24 19.20
CA ALA D 86 0.75 -11.29 19.13
C ALA D 86 -0.40 -10.85 18.24
N ILE D 87 -1.04 -11.80 17.57
CA ILE D 87 -2.15 -11.49 16.67
C ILE D 87 -3.37 -12.31 17.03
N SER D 88 -4.54 -11.68 17.02
CA SER D 88 -5.78 -12.38 17.35
C SER D 88 -6.86 -12.12 16.31
N SER D 89 -7.74 -13.10 16.12
CA SER D 89 -8.83 -12.97 15.18
C SER D 89 -9.95 -13.88 15.68
N ASP D 90 -11.04 -13.95 14.93
CA ASP D 90 -12.16 -14.80 15.31
C ASP D 90 -12.03 -16.17 14.62
N LEU D 91 -10.95 -16.37 13.89
CA LEU D 91 -10.70 -17.62 13.20
C LEU D 91 -10.51 -18.67 14.30
N GLN D 92 -11.54 -19.47 14.52
CA GLN D 92 -11.55 -20.49 15.57
C GLN D 92 -10.55 -21.64 15.45
N GLU D 93 -10.45 -22.25 14.29
CA GLU D 93 -9.54 -23.36 14.13
C GLU D 93 -8.46 -23.10 13.10
N GLU D 94 -7.66 -22.09 13.37
CA GLU D 94 -6.56 -21.71 12.50
C GLU D 94 -5.81 -20.56 13.14
N PHE D 95 -4.51 -20.72 13.33
CA PHE D 95 -3.72 -19.65 13.93
C PHE D 95 -3.67 -18.48 12.96
N ILE D 96 -4.08 -17.31 13.42
CA ILE D 96 -4.06 -16.13 12.57
C ILE D 96 -2.61 -15.76 12.24
N SER D 97 -2.30 -15.73 10.94
CA SER D 97 -0.96 -15.43 10.47
C SER D 97 -0.83 -14.05 9.84
N PRO D 98 0.32 -13.40 10.04
CA PRO D 98 0.59 -12.06 9.50
C PRO D 98 0.83 -12.13 7.99
N CYS D 99 0.32 -11.14 7.26
CA CYS D 99 0.49 -11.13 5.81
C CYS D 99 1.94 -10.76 5.52
N GLY D 100 2.38 -10.97 4.28
CA GLY D 100 3.75 -10.66 3.92
C GLY D 100 4.13 -9.21 4.12
N ALA D 101 3.17 -8.31 3.89
CA ALA D 101 3.43 -6.89 4.04
C ALA D 101 3.82 -6.56 5.48
N CYS D 102 3.12 -7.12 6.45
CA CYS D 102 3.42 -6.86 7.85
C CYS D 102 4.75 -7.49 8.26
N ARG D 103 5.09 -8.63 7.68
CA ARG D 103 6.34 -9.30 7.99
C ARG D 103 7.52 -8.46 7.51
N GLN D 104 7.29 -7.68 6.46
CA GLN D 104 8.33 -6.82 5.90
C GLN D 104 8.56 -5.60 6.80
N VAL D 105 7.49 -5.11 7.41
CA VAL D 105 7.57 -3.96 8.31
C VAL D 105 8.25 -4.40 9.60
N MET D 106 7.90 -5.59 10.08
CA MET D 106 8.51 -6.11 11.30
C MET D 106 10.01 -6.24 11.08
N ARG D 107 10.36 -6.78 9.91
CA ARG D 107 11.76 -7.01 9.54
C ARG D 107 12.59 -5.73 9.48
N GLU D 108 11.94 -4.61 9.21
CA GLU D 108 12.65 -3.33 9.14
C GLU D 108 13.27 -3.04 10.50
N PHE D 109 12.70 -3.64 11.54
CA PHE D 109 13.20 -3.39 12.87
C PHE D 109 13.79 -4.63 13.56
N GLY D 110 14.26 -5.57 12.76
CA GLY D 110 14.87 -6.78 13.31
C GLY D 110 14.26 -8.07 12.83
N THR D 111 15.09 -9.11 12.78
CA THR D 111 14.67 -10.42 12.34
C THR D 111 14.60 -11.41 13.50
N ASP D 112 15.29 -11.08 14.59
CA ASP D 112 15.33 -11.97 15.73
C ASP D 112 14.31 -11.75 16.86
N TRP D 113 13.08 -11.40 16.52
CA TRP D 113 12.06 -11.27 17.57
C TRP D 113 10.87 -12.17 17.25
N ALA D 114 10.06 -12.46 18.28
CA ALA D 114 8.94 -13.38 18.13
C ALA D 114 7.58 -12.88 17.69
N VAL D 115 6.88 -13.76 16.97
CA VAL D 115 5.53 -13.49 16.46
C VAL D 115 4.64 -14.61 16.99
N TYR D 116 3.59 -14.25 17.75
CA TYR D 116 2.66 -15.22 18.29
C TYR D 116 1.38 -15.24 17.47
N MET D 117 1.17 -16.35 16.77
CA MET D 117 -0.01 -16.53 15.93
C MET D 117 -0.98 -17.33 16.81
N THR D 118 -2.14 -16.75 17.10
CA THR D 118 -3.10 -17.38 18.01
C THR D 118 -4.44 -17.81 17.46
N LYS D 119 -5.21 -18.41 18.37
CA LYS D 119 -6.57 -18.87 18.13
C LYS D 119 -7.36 -18.29 19.30
N PRO D 120 -8.68 -18.22 19.20
CA PRO D 120 -9.46 -17.67 20.31
C PRO D 120 -9.29 -18.43 21.64
N ASP D 121 -9.03 -19.74 21.58
CA ASP D 121 -8.88 -20.52 22.81
C ASP D 121 -7.58 -20.27 23.55
N GLY D 122 -6.76 -19.35 23.04
CA GLY D 122 -5.52 -19.05 23.72
C GLY D 122 -4.30 -19.85 23.31
N THR D 123 -4.49 -20.86 22.47
CA THR D 123 -3.37 -21.67 21.99
C THR D 123 -2.68 -20.85 20.90
N PHE D 124 -1.41 -21.17 20.61
CA PHE D 124 -0.67 -20.41 19.61
C PHE D 124 0.54 -21.14 19.07
N VAL D 125 1.12 -20.57 18.02
CA VAL D 125 2.31 -21.08 17.39
C VAL D 125 3.23 -19.86 17.33
N VAL D 126 4.48 -20.01 17.72
CA VAL D 126 5.41 -18.89 17.71
C VAL D 126 6.60 -19.09 16.77
N ARG D 127 6.86 -18.07 15.95
CA ARG D 127 7.96 -18.10 14.99
C ARG D 127 8.65 -16.74 15.09
N THR D 128 9.92 -16.69 14.68
CA THR D 128 10.64 -15.43 14.72
C THR D 128 10.34 -14.78 13.38
N VAL D 129 10.64 -13.49 13.26
CA VAL D 129 10.40 -12.79 12.01
C VAL D 129 11.19 -13.50 10.90
N GLN D 130 12.45 -13.84 11.19
CA GLN D 130 13.32 -14.51 10.24
C GLN D 130 12.68 -15.77 9.63
N GLU D 131 12.11 -16.61 10.47
CA GLU D 131 11.47 -17.83 10.00
C GLU D 131 10.25 -17.54 9.15
N LEU D 132 9.60 -16.41 9.40
CA LEU D 132 8.41 -16.05 8.63
C LEU D 132 8.75 -15.24 7.36
N LEU D 133 9.99 -14.78 7.25
CA LEU D 133 10.41 -14.00 6.09
C LEU D 133 11.89 -14.29 5.78
N PRO D 134 12.19 -15.51 5.30
CA PRO D 134 13.53 -15.99 4.95
C PRO D 134 14.18 -15.26 3.77
N ALA D 135 15.50 -15.19 3.76
CA ALA D 135 16.22 -14.53 2.68
C ALA D 135 15.46 -13.26 2.32
N SER D 136 15.21 -12.44 3.33
CA SER D 136 14.44 -11.23 3.14
C SER D 136 15.19 -10.04 2.57
N PHE D 137 14.43 -9.13 1.97
CA PHE D 137 14.99 -7.90 1.45
C PHE D 137 14.98 -7.01 2.68
N GLY D 138 16.02 -6.21 2.87
CA GLY D 138 16.06 -5.36 4.04
C GLY D 138 16.86 -4.09 3.88
N PRO D 139 16.98 -3.32 4.97
CA PRO D 139 17.72 -2.06 5.01
C PRO D 139 19.15 -2.13 4.47
N GLU D 140 19.87 -3.20 4.78
CA GLU D 140 21.25 -3.32 4.33
C GLU D 140 21.41 -3.44 2.81
N ASP D 141 20.34 -3.82 2.11
CA ASP D 141 20.41 -3.94 0.67
C ASP D 141 20.43 -2.57 0.02
N LEU D 142 20.11 -1.55 0.80
CA LEU D 142 20.09 -0.20 0.26
C LEU D 142 21.24 0.67 0.77
N GLN D 143 22.11 0.10 1.60
CA GLN D 143 23.25 0.84 2.12
C GLN D 143 24.09 1.35 0.95
N LYS D 144 24.48 2.62 1.01
CA LYS D 144 25.28 3.24 -0.05
C LYS D 144 26.52 2.45 -0.42
N ILE D 145 27.36 2.16 0.57
CA ILE D 145 28.60 1.41 0.35
C ILE D 145 28.46 -0.08 0.60
N GLN D 146 28.98 -0.87 -0.33
CA GLN D 146 28.93 -2.33 -0.23
C GLN D 146 30.09 -2.97 -0.98
ZN ZN E . 0.23 10.19 2.61
S SO4 F . -18.46 15.87 -3.72
O1 SO4 F . -17.50 16.81 -4.30
O2 SO4 F . -19.24 15.28 -4.81
O3 SO4 F . -17.78 14.80 -3.02
O4 SO4 F . -19.32 16.58 -2.79
O5' URD G . 7.49 11.01 0.27
C5' URD G . 8.59 11.27 1.14
C4' URD G . 8.27 10.83 2.55
O4' URD G . 7.37 11.80 3.16
C1' URD G . 6.22 11.14 3.64
N1 URD G . 5.07 12.06 3.51
C6 URD G . 4.92 12.87 2.40
C2 URD G . 4.20 12.15 4.60
O2 URD G . 4.26 11.39 5.56
C3 URD G . 3.18 13.12 4.46
C4 URD G . 2.99 13.97 3.33
O4 URD G . 2.27 14.97 3.36
C5 URD G . 3.95 13.78 2.28
C2' URD G . 6.10 9.88 2.80
O2' URD G . 5.25 8.91 3.38
C3' URD G . 7.57 9.49 2.67
O3' URD G . 8.04 8.79 3.83
ZN ZN H . -7.49 3.39 -6.63
O5' URD I . -12.84 -0.95 -3.26
C5' URD I . -13.50 -2.04 -3.88
C4' URD I . -12.65 -2.59 -5.00
O4' URD I . -12.73 -1.70 -6.15
C1' URD I . -11.42 -1.34 -6.56
N1 URD I . -11.44 0.02 -7.12
C6 URD I . -12.28 1.00 -6.58
C2 URD I . -10.77 0.23 -8.32
O2 URD I . -10.11 -0.65 -8.86
C3 URD I . -11.01 1.48 -8.92
C4 URD I . -11.85 2.50 -8.41
O4 URD I . -12.00 3.61 -8.94
C5 URD I . -12.49 2.18 -7.16
C2' URD I . -10.57 -1.48 -5.30
O2' URD I . -9.20 -1.58 -5.62
C3' URD I . -11.17 -2.74 -4.70
O3' URD I . -10.66 -3.89 -5.38
ZN ZN J . 7.87 -5.92 -3.41
O5' URD K . 13.00 -0.13 -2.22
C5' URD K . 13.78 0.41 -3.27
C4' URD K . 13.06 0.26 -4.58
O4' URD K . 13.23 -1.10 -5.07
C1' URD K . 11.96 -1.66 -5.37
N1 URD K . 12.03 -3.11 -5.13
C6 URD K . 12.72 -3.61 -4.03
C2 URD K . 11.51 -3.93 -6.09
O2 URD K . 10.89 -3.53 -7.07
C3 URD K . 11.75 -5.32 -5.87
C4 URD K . 12.47 -5.87 -4.78
O4 URD K . 12.69 -7.08 -4.63
C5 URD K . 12.95 -4.91 -3.83
C2' URD K . 11.00 -0.92 -4.46
O2' URD K . 9.65 -1.08 -4.89
C3' URD K . 11.55 0.50 -4.55
O3' URD K . 11.13 1.16 -5.74
ZN ZN L . -0.76 -7.56 7.28
O5' URD M . -7.87 -9.33 4.87
C5' URD M . -8.93 -9.41 5.82
C4' URD M . -8.78 -8.33 6.86
O4' URD M . -7.94 -8.82 7.95
C1' URD M . -6.83 -7.96 8.12
N1 URD M . -5.68 -8.76 8.54
C6 URD M . -5.43 -10.00 7.98
C2 URD M . -4.97 -8.31 9.67
O2 URD M . -5.02 -7.16 10.06
C3 URD M . -3.99 -9.23 10.16
C4 URD M . -3.70 -10.51 9.60
O4 URD M . -2.87 -11.29 10.07
C5 URD M . -4.50 -10.87 8.45
C2' URD M . -6.66 -7.28 6.76
O2' URD M . -5.93 -6.09 6.86
C3' URD M . -8.12 -7.06 6.37
O3' URD M . -8.67 -5.93 7.04
#